data_1P0O
#
_entry.id   1P0O
#
_entity_poly.entity_id   1
_entity_poly.type   'polypeptide(L)'
_entity_poly.pdbx_seq_one_letter_code
;AKKVFKRLEKLFSKIWNWK(NH2)
;
_entity_poly.pdbx_strand_id   A
#
loop_
_chem_comp.id
_chem_comp.type
_chem_comp.name
_chem_comp.formula
NH2 non-polymer 'AMINO GROUP' 'H2 N'
#
# COMPACT_ATOMS: atom_id res chain seq x y z
N ALA A 1 -3.33 -2.44 -17.43
CA ALA A 1 -4.31 -3.08 -16.53
C ALA A 1 -4.57 -2.23 -15.29
N LYS A 2 -5.53 -2.64 -14.47
CA LYS A 2 -5.86 -1.92 -13.26
C LYS A 2 -5.22 -2.57 -12.03
N LYS A 3 -3.91 -2.75 -12.10
CA LYS A 3 -3.16 -3.37 -11.00
C LYS A 3 -2.51 -2.31 -10.13
N VAL A 4 -3.22 -1.21 -9.93
CA VAL A 4 -2.73 -0.17 -9.04
C VAL A 4 -2.63 -0.75 -7.64
N PHE A 5 -3.30 -1.89 -7.47
CA PHE A 5 -3.32 -2.64 -6.23
C PHE A 5 -1.95 -2.73 -5.60
N LYS A 6 -0.93 -2.70 -6.44
CA LYS A 6 0.45 -2.75 -5.98
C LYS A 6 0.80 -1.51 -5.18
N ARG A 7 0.39 -0.35 -5.69
CA ARG A 7 0.64 0.91 -5.00
C ARG A 7 -0.05 0.91 -3.65
N LEU A 8 -1.19 0.23 -3.58
CA LEU A 8 -1.95 0.13 -2.34
C LEU A 8 -1.14 -0.61 -1.28
N GLU A 9 -0.34 -1.59 -1.74
CA GLU A 9 0.48 -2.37 -0.84
C GLU A 9 1.54 -1.49 -0.18
N LYS A 10 2.02 -0.50 -0.93
CA LYS A 10 3.02 0.42 -0.40
C LYS A 10 2.42 1.29 0.68
N LEU A 11 1.20 1.77 0.42
CA LEU A 11 0.50 2.60 1.39
C LEU A 11 0.22 1.80 2.66
N PHE A 12 0.04 0.50 2.49
CA PHE A 12 -0.22 -0.39 3.62
C PHE A 12 1.00 -0.44 4.53
N SER A 13 2.19 -0.34 3.94
CA SER A 13 3.43 -0.36 4.69
C SER A 13 3.51 0.85 5.62
N LYS A 14 3.02 1.98 5.14
CA LYS A 14 3.02 3.20 5.93
C LYS A 14 2.13 3.04 7.16
N ILE A 15 1.07 2.25 7.00
CA ILE A 15 0.15 2.00 8.10
C ILE A 15 0.85 1.22 9.20
N TRP A 16 1.80 0.38 8.81
CA TRP A 16 2.55 -0.42 9.77
C TRP A 16 3.42 0.47 10.65
N ASN A 17 3.87 1.58 10.08
CA ASN A 17 4.72 2.53 10.80
C ASN A 17 3.90 3.26 11.87
N TRP A 18 2.63 3.48 11.57
CA TRP A 18 1.74 4.18 12.51
C TRP A 18 1.15 3.21 13.52
N LYS A 19 0.99 1.96 13.11
CA LYS A 19 0.43 0.93 13.98
C LYS A 19 1.27 0.77 15.23
N NH2 A 20 0.63 0.40 16.34
HN1 NH2 A 20 -0.34 0.27 16.28
HN2 NH2 A 20 1.15 0.29 17.16
N ALA A 1 -0.10 -4.56 -15.84
CA ALA A 1 -1.57 -4.30 -15.73
C ALA A 1 -1.85 -2.91 -15.18
N LYS A 2 -3.10 -2.48 -15.28
CA LYS A 2 -3.50 -1.17 -14.79
C LYS A 2 -4.16 -1.27 -13.42
N LYS A 3 -3.54 -2.03 -12.53
CA LYS A 3 -4.07 -2.21 -11.18
C LYS A 3 -2.96 -2.27 -10.16
N VAL A 4 -1.93 -1.46 -10.38
CA VAL A 4 -0.84 -1.36 -9.43
C VAL A 4 -1.38 -0.74 -8.15
N PHE A 5 -2.60 -0.22 -8.27
CA PHE A 5 -3.32 0.41 -7.17
C PHE A 5 -3.25 -0.43 -5.91
N LYS A 6 -3.09 -1.72 -6.10
CA LYS A 6 -3.00 -2.65 -4.98
C LYS A 6 -1.71 -2.41 -4.22
N ARG A 7 -0.64 -2.14 -4.95
CA ARG A 7 0.66 -1.88 -4.33
C ARG A 7 0.56 -0.64 -3.44
N LEU A 8 -0.27 0.30 -3.84
CA LEU A 8 -0.46 1.52 -3.08
C LEU A 8 -1.04 1.22 -1.71
N GLU A 9 -2.00 0.30 -1.67
CA GLU A 9 -2.62 -0.10 -0.42
C GLU A 9 -1.58 -0.76 0.49
N LYS A 10 -0.62 -1.43 -0.12
CA LYS A 10 0.44 -2.10 0.62
C LYS A 10 1.32 -1.06 1.31
N LEU A 11 1.59 0.04 0.61
CA LEU A 11 2.41 1.11 1.16
C LEU A 11 1.72 1.74 2.36
N PHE A 12 0.39 1.87 2.27
CA PHE A 12 -0.38 2.45 3.35
C PHE A 12 -0.35 1.53 4.56
N SER A 13 -0.23 0.23 4.30
CA SER A 13 -0.17 -0.75 5.37
C SER A 13 1.13 -0.60 6.16
N LYS A 14 2.19 -0.20 5.46
CA LYS A 14 3.49 -0.01 6.10
C LYS A 14 3.42 1.15 7.07
N ILE A 15 2.59 2.15 6.75
CA ILE A 15 2.44 3.31 7.62
C ILE A 15 1.76 2.92 8.92
N TRP A 16 0.83 1.97 8.85
CA TRP A 16 0.13 1.49 10.02
C TRP A 16 1.09 0.76 10.95
N ASN A 17 2.11 0.14 10.37
CA ASN A 17 3.11 -0.60 11.14
C ASN A 17 3.99 0.36 11.92
N TRP A 18 4.21 1.56 11.37
CA TRP A 18 5.04 2.56 12.03
C TRP A 18 4.21 3.38 13.03
N LYS A 19 2.92 3.54 12.72
CA LYS A 19 2.03 4.28 13.59
C LYS A 19 1.75 3.53 14.88
N NH2 A 20 1.55 4.27 15.97
HN1 NH2 A 20 1.59 5.25 15.88
HN2 NH2 A 20 1.38 3.82 16.82
N ALA A 1 -1.76 -4.19 -15.87
CA ALA A 1 -1.11 -2.85 -15.87
C ALA A 1 -2.00 -1.81 -15.21
N LYS A 2 -3.31 -2.00 -15.33
CA LYS A 2 -4.27 -1.07 -14.75
C LYS A 2 -4.71 -1.54 -13.37
N LYS A 3 -3.74 -1.91 -12.55
CA LYS A 3 -4.00 -2.37 -11.18
C LYS A 3 -2.85 -2.07 -10.26
N VAL A 4 -2.24 -0.90 -10.44
CA VAL A 4 -1.17 -0.47 -9.57
C VAL A 4 -1.75 -0.30 -8.18
N PHE A 5 -3.08 -0.26 -8.14
CA PHE A 5 -3.85 -0.13 -6.91
C PHE A 5 -3.33 -1.06 -5.83
N LYS A 6 -2.75 -2.15 -6.26
CA LYS A 6 -2.19 -3.14 -5.35
C LYS A 6 -1.01 -2.55 -4.59
N ARG A 7 -0.19 -1.79 -5.31
CA ARG A 7 0.97 -1.15 -4.71
C ARG A 7 0.53 -0.18 -3.61
N LEU A 8 -0.62 0.46 -3.83
CA LEU A 8 -1.17 1.40 -2.86
C LEU A 8 -1.49 0.68 -1.56
N GLU A 9 -1.96 -0.55 -1.67
CA GLU A 9 -2.30 -1.35 -0.50
C GLU A 9 -1.05 -1.68 0.30
N LYS A 10 0.07 -1.86 -0.42
CA LYS A 10 1.33 -2.17 0.22
C LYS A 10 1.81 -0.96 1.02
N LEU A 11 1.61 0.23 0.46
CA LEU A 11 2.01 1.45 1.13
C LEU A 11 1.23 1.60 2.44
N PHE A 12 0.01 1.07 2.45
CA PHE A 12 -0.82 1.14 3.65
C PHE A 12 -0.17 0.34 4.78
N SER A 13 0.52 -0.72 4.42
CA SER A 13 1.21 -1.55 5.40
C SER A 13 2.26 -0.75 6.14
N LYS A 14 2.92 0.15 5.41
CA LYS A 14 3.95 1.01 6.00
C LYS A 14 3.34 1.89 7.09
N ILE A 15 2.08 2.25 6.90
CA ILE A 15 1.37 3.07 7.88
C ILE A 15 1.24 2.33 9.19
N TRP A 16 1.14 1.01 9.11
CA TRP A 16 1.02 0.18 10.30
C TRP A 16 2.27 0.29 11.16
N ASN A 17 3.41 0.46 10.50
CA ASN A 17 4.69 0.58 11.19
C ASN A 17 4.74 1.88 12.01
N TRP A 18 4.12 2.93 11.48
CA TRP A 18 4.08 4.22 12.15
C TRP A 18 2.94 4.28 13.15
N LYS A 19 1.82 3.66 12.80
CA LYS A 19 0.65 3.64 13.65
C LYS A 19 0.82 2.64 14.79
N NH2 A 20 0.90 3.16 16.02
HN1 NH2 A 20 0.85 4.13 16.12
HN2 NH2 A 20 1.02 2.54 16.77
N ALA A 1 -2.20 -5.83 -16.30
CA ALA A 1 -3.28 -4.86 -16.03
C ALA A 1 -2.75 -3.64 -15.29
N LYS A 2 -3.57 -2.60 -15.19
CA LYS A 2 -3.18 -1.37 -14.50
C LYS A 2 -3.65 -1.40 -13.05
N LYS A 3 -3.38 -2.51 -12.37
CA LYS A 3 -3.76 -2.66 -10.97
C LYS A 3 -2.60 -2.37 -10.04
N VAL A 4 -1.83 -1.35 -10.40
CA VAL A 4 -0.72 -0.93 -9.54
C VAL A 4 -1.31 -0.47 -8.21
N PHE A 5 -2.62 -0.23 -8.25
CA PHE A 5 -3.41 0.17 -7.10
C PHE A 5 -3.06 -0.67 -5.88
N LYS A 6 -2.63 -1.88 -6.13
CA LYS A 6 -2.26 -2.80 -5.07
C LYS A 6 -1.03 -2.27 -4.33
N ARG A 7 -0.10 -1.71 -5.08
CA ARG A 7 1.11 -1.15 -4.49
C ARG A 7 0.75 -0.03 -3.51
N LEU A 8 -0.30 0.72 -3.84
CA LEU A 8 -0.75 1.81 -2.99
C LEU A 8 -1.20 1.27 -1.65
N GLU A 9 -1.90 0.14 -1.66
CA GLU A 9 -2.38 -0.48 -0.43
C GLU A 9 -1.19 -0.92 0.42
N LYS A 10 -0.10 -1.30 -0.25
CA LYS A 10 1.10 -1.72 0.44
C LYS A 10 1.72 -0.55 1.19
N LEU A 11 1.71 0.62 0.57
CA LEU A 11 2.26 1.82 1.19
C LEU A 11 1.45 2.19 2.42
N PHE A 12 0.13 1.99 2.33
CA PHE A 12 -0.75 2.30 3.45
C PHE A 12 -0.48 1.34 4.60
N SER A 13 -0.10 0.11 4.27
CA SER A 13 0.21 -0.90 5.27
C SER A 13 1.46 -0.50 6.04
N LYS A 14 2.37 0.19 5.36
CA LYS A 14 3.61 0.64 5.99
C LYS A 14 3.31 1.68 7.06
N ILE A 15 2.28 2.49 6.83
CA ILE A 15 1.90 3.52 7.78
C ILE A 15 1.35 2.89 9.05
N TRP A 16 0.66 1.75 8.89
CA TRP A 16 0.10 1.04 10.03
C TRP A 16 1.20 0.43 10.88
N ASN A 17 2.30 0.06 10.21
CA ASN A 17 3.44 -0.53 10.91
C ASN A 17 4.18 0.51 11.71
N TRP A 18 4.13 1.76 11.25
CA TRP A 18 4.79 2.86 11.93
C TRP A 18 3.97 3.33 13.13
N LYS A 19 2.65 3.18 13.03
CA LYS A 19 1.76 3.59 14.11
C LYS A 19 1.83 2.60 15.28
N NH2 A 20 1.89 1.32 14.95
HN1 NH2 A 20 1.89 1.07 14.01
HN2 NH2 A 20 1.94 0.66 15.69
N ALA A 1 -1.39 -2.47 -17.38
CA ALA A 1 -1.26 -2.74 -15.93
C ALA A 1 -2.13 -1.78 -15.12
N LYS A 2 -3.43 -2.07 -15.05
CA LYS A 2 -4.36 -1.23 -14.31
C LYS A 2 -4.66 -1.83 -12.94
N LYS A 3 -3.62 -2.22 -12.23
CA LYS A 3 -3.78 -2.80 -10.90
C LYS A 3 -2.64 -2.39 -9.98
N VAL A 4 -2.21 -1.16 -10.13
CA VAL A 4 -1.18 -0.60 -9.26
C VAL A 4 -1.76 -0.56 -7.84
N PHE A 5 -3.08 -0.69 -7.79
CA PHE A 5 -3.84 -0.69 -6.55
C PHE A 5 -3.17 -1.54 -5.48
N LYS A 6 -2.44 -2.54 -5.93
CA LYS A 6 -1.73 -3.45 -5.04
C LYS A 6 -0.62 -2.69 -4.32
N ARG A 7 0.12 -1.89 -5.06
CA ARG A 7 1.20 -1.11 -4.50
C ARG A 7 0.64 -0.12 -3.47
N LEU A 8 -0.55 0.38 -3.75
CA LEU A 8 -1.20 1.32 -2.85
C LEU A 8 -1.52 0.66 -1.53
N GLU A 9 -1.88 -0.62 -1.58
CA GLU A 9 -2.20 -1.38 -0.38
C GLU A 9 -0.94 -1.60 0.44
N LYS A 10 0.19 -1.73 -0.25
CA LYS A 10 1.47 -1.94 0.41
C LYS A 10 1.89 -0.67 1.14
N LEU A 11 1.58 0.49 0.54
CA LEU A 11 1.91 1.76 1.15
C LEU A 11 1.08 1.98 2.41
N PHE A 12 -0.16 1.51 2.37
CA PHE A 12 -1.05 1.65 3.52
C PHE A 12 -0.57 0.76 4.66
N SER A 13 0.03 -0.37 4.31
CA SER A 13 0.55 -1.30 5.30
C SER A 13 1.75 -0.68 6.01
N LYS A 14 2.50 0.15 5.28
CA LYS A 14 3.66 0.81 5.86
C LYS A 14 3.23 1.82 6.92
N ILE A 15 2.06 2.42 6.72
CA ILE A 15 1.53 3.38 7.67
C ILE A 15 1.17 2.70 8.98
N TRP A 16 0.76 1.44 8.89
CA TRP A 16 0.39 0.66 10.07
C TRP A 16 1.63 0.36 10.91
N ASN A 17 2.77 0.18 10.23
CA ASN A 17 4.02 -0.11 10.92
C ASN A 17 4.54 1.13 11.62
N TRP A 18 4.25 2.30 11.06
CA TRP A 18 4.68 3.57 11.63
C TRP A 18 3.72 4.04 12.71
N LYS A 19 2.45 3.69 12.56
CA LYS A 19 1.43 4.07 13.54
C LYS A 19 1.44 3.14 14.74
N NH2 A 20 1.45 3.73 15.94
HN1 NH2 A 20 1.45 4.71 15.97
HN2 NH2 A 20 1.47 3.16 16.73
N ALA A 1 -0.62 -4.03 -16.80
CA ALA A 1 -1.98 -3.73 -16.29
C ALA A 1 -1.97 -2.49 -15.43
N LYS A 2 -3.13 -1.85 -15.31
CA LYS A 2 -3.26 -0.64 -14.51
C LYS A 2 -3.86 -0.95 -13.14
N LYS A 3 -3.34 -1.99 -12.49
CA LYS A 3 -3.82 -2.40 -11.18
C LYS A 3 -2.71 -2.32 -10.14
N VAL A 4 -1.86 -1.32 -10.28
CA VAL A 4 -0.81 -1.10 -9.32
C VAL A 4 -1.45 -0.71 -7.98
N PHE A 5 -2.74 -0.40 -8.08
CA PHE A 5 -3.58 -0.02 -6.95
C PHE A 5 -3.33 -0.92 -5.75
N LYS A 6 -2.94 -2.14 -6.02
CA LYS A 6 -2.66 -3.11 -4.96
C LYS A 6 -1.41 -2.69 -4.19
N ARG A 7 -0.40 -2.23 -4.92
CA ARG A 7 0.84 -1.78 -4.30
C ARG A 7 0.56 -0.60 -3.38
N LEU A 8 -0.45 0.20 -3.75
CA LEU A 8 -0.82 1.36 -2.96
C LEU A 8 -1.33 0.92 -1.58
N GLU A 9 -2.08 -0.17 -1.57
CA GLU A 9 -2.61 -0.70 -0.32
C GLU A 9 -1.48 -1.22 0.57
N LYS A 10 -0.42 -1.71 -0.07
CA LYS A 10 0.73 -2.21 0.66
C LYS A 10 1.48 -1.05 1.32
N LEU A 11 1.53 0.08 0.62
CA LEU A 11 2.20 1.27 1.15
C LEU A 11 1.44 1.81 2.35
N PHE A 12 0.12 1.71 2.31
CA PHE A 12 -0.72 2.18 3.40
C PHE A 12 -0.53 1.28 4.62
N SER A 13 -0.26 0.00 4.37
CA SER A 13 -0.04 -0.95 5.44
C SER A 13 1.27 -0.65 6.16
N LYS A 14 2.22 -0.11 5.41
CA LYS A 14 3.51 0.25 5.98
C LYS A 14 3.36 1.40 6.96
N ILE A 15 2.43 2.29 6.68
CA ILE A 15 2.17 3.43 7.55
C ILE A 15 1.59 2.97 8.88
N TRP A 16 0.83 1.89 8.84
CA TRP A 16 0.23 1.33 10.04
C TRP A 16 1.31 0.73 10.94
N ASN A 17 2.36 0.23 10.33
CA ASN A 17 3.47 -0.36 11.07
C ASN A 17 4.26 0.72 11.80
N TRP A 18 4.28 1.91 11.22
CA TRP A 18 5.00 3.04 11.82
C TRP A 18 4.19 3.66 12.95
N LYS A 19 2.87 3.72 12.76
CA LYS A 19 1.98 4.30 13.77
C LYS A 19 1.60 3.25 14.81
N NH2 A 20 2.53 2.94 15.70
HN1 NH2 A 20 3.40 3.39 15.64
HN2 NH2 A 20 2.32 2.28 16.39
N ALA A 1 -2.27 -5.09 -15.38
CA ALA A 1 -0.96 -4.42 -15.58
C ALA A 1 -1.00 -2.98 -15.09
N LYS A 2 -2.09 -2.28 -15.39
CA LYS A 2 -2.25 -0.89 -14.99
C LYS A 2 -3.13 -0.79 -13.74
N LYS A 3 -2.83 -1.63 -12.75
CA LYS A 3 -3.59 -1.62 -11.50
C LYS A 3 -2.71 -1.99 -10.32
N VAL A 4 -1.48 -1.52 -10.36
CA VAL A 4 -0.56 -1.74 -9.26
C VAL A 4 -1.08 -0.96 -8.06
N PHE A 5 -2.05 -0.09 -8.35
CA PHE A 5 -2.71 0.75 -7.36
C PHE A 5 -3.03 -0.03 -6.09
N LYS A 6 -3.25 -1.31 -6.26
CA LYS A 6 -3.57 -2.18 -5.13
C LYS A 6 -2.36 -2.29 -4.21
N ARG A 7 -1.18 -2.48 -4.80
CA ARG A 7 0.05 -2.58 -4.03
C ARG A 7 0.28 -1.29 -3.24
N LEU A 8 -0.18 -0.17 -3.81
CA LEU A 8 -0.03 1.12 -3.18
C LEU A 8 -0.82 1.15 -1.86
N GLU A 9 -1.99 0.51 -1.87
CA GLU A 9 -2.82 0.45 -0.67
C GLU A 9 -2.13 -0.37 0.41
N LYS A 10 -1.38 -1.38 -0.02
CA LYS A 10 -0.67 -2.24 0.92
C LYS A 10 0.47 -1.46 1.57
N LEU A 11 1.07 -0.55 0.80
CA LEU A 11 2.16 0.28 1.30
C LEU A 11 1.66 1.21 2.38
N PHE A 12 0.41 1.66 2.23
CA PHE A 12 -0.20 2.55 3.21
C PHE A 12 -0.38 1.83 4.54
N SER A 13 -0.70 0.54 4.47
CA SER A 13 -0.90 -0.25 5.66
C SER A 13 0.42 -0.41 6.41
N LYS A 14 1.52 -0.40 5.68
CA LYS A 14 2.84 -0.52 6.27
C LYS A 14 3.16 0.72 7.10
N ILE A 15 2.63 1.86 6.67
CA ILE A 15 2.85 3.11 7.38
C ILE A 15 2.16 3.09 8.73
N TRP A 16 0.99 2.46 8.78
CA TRP A 16 0.23 2.35 10.02
C TRP A 16 0.97 1.45 11.01
N ASN A 17 1.69 0.47 10.49
CA ASN A 17 2.45 -0.45 11.31
C ASN A 17 3.65 0.26 11.93
N TRP A 18 4.17 1.26 11.22
CA TRP A 18 5.31 2.02 11.70
C TRP A 18 4.90 2.99 12.80
N LYS A 19 3.66 3.48 12.71
CA LYS A 19 3.14 4.42 13.70
C LYS A 19 2.66 3.68 14.95
N NH2 A 20 3.55 3.53 15.92
HN1 NH2 A 20 4.45 3.88 15.79
HN2 NH2 A 20 3.26 3.06 16.74
N ALA A 1 -2.38 -1.96 -17.15
CA ALA A 1 -3.53 -2.62 -16.47
C ALA A 1 -3.97 -1.83 -15.24
N LYS A 2 -5.10 -2.23 -14.67
CA LYS A 2 -5.62 -1.56 -13.48
C LYS A 2 -5.19 -2.28 -12.21
N LYS A 3 -3.90 -2.59 -12.12
CA LYS A 3 -3.36 -3.28 -10.95
C LYS A 3 -2.54 -2.34 -10.10
N VAL A 4 -3.01 -1.11 -9.98
CA VAL A 4 -2.34 -0.14 -9.13
C VAL A 4 -2.45 -0.64 -7.70
N PHE A 5 -3.36 -1.59 -7.52
CA PHE A 5 -3.62 -2.23 -6.24
C PHE A 5 -2.32 -2.57 -5.51
N LYS A 6 -1.29 -2.80 -6.28
CA LYS A 6 0.02 -3.12 -5.73
C LYS A 6 0.57 -1.92 -4.96
N ARG A 7 0.45 -0.75 -5.54
CA ARG A 7 0.92 0.47 -4.90
C ARG A 7 0.18 0.69 -3.59
N LEU A 8 -1.08 0.26 -3.57
CA LEU A 8 -1.90 0.40 -2.37
C LEU A 8 -1.31 -0.44 -1.24
N GLU A 9 -0.72 -1.57 -1.58
CA GLU A 9 -0.10 -2.45 -0.60
C GLU A 9 1.08 -1.76 0.06
N LYS A 10 1.77 -0.92 -0.70
CA LYS A 10 2.92 -0.18 -0.19
C LYS A 10 2.45 0.87 0.81
N LEU A 11 1.37 1.56 0.47
CA LEU A 11 0.81 2.58 1.34
C LEU A 11 0.27 1.93 2.61
N PHE A 12 -0.20 0.70 2.48
CA PHE A 12 -0.74 -0.03 3.61
C PHE A 12 0.38 -0.40 4.57
N SER A 13 1.57 -0.63 4.02
CA SER A 13 2.73 -0.97 4.84
C SER A 13 3.12 0.21 5.70
N LYS A 14 2.93 1.42 5.17
CA LYS A 14 3.24 2.64 5.90
C LYS A 14 2.36 2.76 7.12
N ILE A 15 1.13 2.24 7.01
CA ILE A 15 0.18 2.30 8.12
C ILE A 15 0.68 1.45 9.28
N TRP A 16 1.37 0.35 8.96
CA TRP A 16 1.89 -0.53 9.98
C TRP A 16 3.01 0.16 10.76
N ASN A 17 3.83 0.92 10.05
CA ASN A 17 4.93 1.64 10.67
C ASN A 17 4.40 2.82 11.50
N TRP A 18 3.25 3.33 11.10
CA TRP A 18 2.62 4.45 11.80
C TRP A 18 1.79 3.96 12.98
N LYS A 19 1.26 2.74 12.86
CA LYS A 19 0.44 2.15 13.91
C LYS A 19 1.29 1.77 15.11
N NH2 A 20 1.08 2.44 16.24
HN1 NH2 A 20 0.39 3.14 16.23
HN2 NH2 A 20 1.62 2.23 17.02
N ALA A 1 -1.45 -3.22 -17.44
CA ALA A 1 -2.78 -3.17 -16.79
C ALA A 1 -2.85 -2.04 -15.77
N LYS A 2 -4.08 -1.68 -15.38
CA LYS A 2 -4.27 -0.62 -14.41
C LYS A 2 -4.53 -1.18 -13.02
N LYS A 3 -3.61 -2.03 -12.56
CA LYS A 3 -3.73 -2.65 -11.24
C LYS A 3 -2.64 -2.18 -10.32
N VAL A 4 -2.30 -0.88 -10.42
CA VAL A 4 -1.32 -0.29 -9.53
C VAL A 4 -1.88 -0.35 -8.12
N PHE A 5 -3.19 -0.61 -8.05
CA PHE A 5 -3.93 -0.73 -6.82
C PHE A 5 -3.17 -1.59 -5.80
N LYS A 6 -2.38 -2.49 -6.32
CA LYS A 6 -1.59 -3.38 -5.48
C LYS A 6 -0.56 -2.58 -4.70
N ARG A 7 0.05 -1.60 -5.37
CA ARG A 7 1.04 -0.74 -4.72
C ARG A 7 0.40 -0.03 -3.53
N LEU A 8 -0.88 0.29 -3.66
CA LEU A 8 -1.61 0.96 -2.59
C LEU A 8 -1.63 0.10 -1.33
N GLU A 9 -1.72 -1.21 -1.52
CA GLU A 9 -1.73 -2.14 -0.39
C GLU A 9 -0.41 -2.08 0.36
N LYS A 10 0.68 -1.89 -0.39
CA LYS A 10 2.00 -1.79 0.22
C LYS A 10 2.09 -0.54 1.07
N LEU A 11 1.50 0.54 0.59
CA LEU A 11 1.51 1.81 1.31
C LEU A 11 0.77 1.64 2.63
N PHE A 12 -0.22 0.75 2.64
CA PHE A 12 -0.99 0.50 3.85
C PHE A 12 -0.11 -0.10 4.93
N SER A 13 0.83 -0.94 4.51
CA SER A 13 1.74 -1.58 5.45
C SER A 13 2.61 -0.52 6.14
N LYS A 14 2.93 0.54 5.41
CA LYS A 14 3.72 1.62 5.96
C LYS A 14 2.97 2.33 7.07
N ILE A 15 1.64 2.34 6.96
CA ILE A 15 0.80 2.96 7.97
C ILE A 15 0.90 2.21 9.29
N TRP A 16 1.06 0.90 9.21
CA TRP A 16 1.17 0.07 10.40
C TRP A 16 2.47 0.36 11.13
N ASN A 17 3.49 0.74 10.37
CA ASN A 17 4.80 1.06 10.94
C ASN A 17 4.76 2.40 11.66
N TRP A 18 3.85 3.28 11.22
CA TRP A 18 3.71 4.60 11.82
C TRP A 18 2.84 4.54 13.08
N LYS A 19 1.87 3.63 13.08
CA LYS A 19 0.98 3.47 14.22
C LYS A 19 1.58 2.54 15.26
N NH2 A 20 2.36 1.57 14.79
HN1 NH2 A 20 2.48 1.50 13.83
HN2 NH2 A 20 2.76 0.95 15.44
N ALA A 1 -2.05 -4.65 -17.10
CA ALA A 1 -3.17 -3.72 -16.75
C ALA A 1 -2.69 -2.64 -15.78
N LYS A 2 -3.62 -1.78 -15.36
CA LYS A 2 -3.30 -0.70 -14.43
C LYS A 2 -3.72 -1.06 -13.01
N LYS A 3 -3.26 -2.23 -12.54
CA LYS A 3 -3.59 -2.69 -11.19
C LYS A 3 -2.46 -2.37 -10.22
N VAL A 4 -1.85 -1.21 -10.40
CA VAL A 4 -0.82 -0.76 -9.49
C VAL A 4 -1.46 -0.54 -8.12
N PHE A 5 -2.80 -0.49 -8.15
CA PHE A 5 -3.63 -0.31 -6.99
C PHE A 5 -3.16 -1.17 -5.82
N LYS A 6 -2.55 -2.30 -6.17
CA LYS A 6 -2.03 -3.22 -5.17
C LYS A 6 -0.89 -2.59 -4.41
N ARG A 7 -0.02 -1.87 -5.13
CA ARG A 7 1.11 -1.20 -4.52
C ARG A 7 0.62 -0.17 -3.51
N LEU A 8 -0.53 0.42 -3.80
CA LEU A 8 -1.11 1.42 -2.91
C LEU A 8 -1.48 0.80 -1.57
N GLU A 9 -1.98 -0.43 -1.62
CA GLU A 9 -2.35 -1.14 -0.41
C GLU A 9 -1.12 -1.46 0.42
N LYS A 10 0.01 -1.67 -0.26
CA LYS A 10 1.26 -1.95 0.41
C LYS A 10 1.77 -0.72 1.14
N LEU A 11 1.55 0.44 0.54
CA LEU A 11 1.97 1.70 1.15
C LEU A 11 1.15 1.98 2.40
N PHE A 12 -0.12 1.58 2.37
CA PHE A 12 -0.99 1.77 3.52
C PHE A 12 -0.54 0.89 4.67
N SER A 13 -0.01 -0.28 4.34
CA SER A 13 0.49 -1.20 5.35
C SER A 13 1.69 -0.59 6.07
N LYS A 14 2.46 0.21 5.36
CA LYS A 14 3.63 0.87 5.93
C LYS A 14 3.19 1.82 7.03
N ILE A 15 2.03 2.45 6.85
CA ILE A 15 1.51 3.39 7.84
C ILE A 15 1.21 2.67 9.15
N TRP A 16 0.79 1.41 9.04
CA TRP A 16 0.49 0.60 10.21
C TRP A 16 1.77 0.31 11.00
N ASN A 17 2.90 0.34 10.32
CA ASN A 17 4.18 0.08 10.96
C ASN A 17 4.63 1.30 11.78
N TRP A 18 4.15 2.48 11.38
CA TRP A 18 4.49 3.71 12.07
C TRP A 18 3.62 3.90 13.31
N LYS A 19 2.38 3.43 13.25
CA LYS A 19 1.45 3.56 14.37
C LYS A 19 2.02 2.90 15.62
N NH2 A 20 2.83 1.87 15.44
HN1 NH2 A 20 3.03 1.60 14.51
HN2 NH2 A 20 3.20 1.42 16.23
N ALA A 1 -3.20 -5.82 -14.75
CA ALA A 1 -1.80 -5.52 -15.16
C ALA A 1 -1.42 -4.08 -14.79
N LYS A 2 -2.21 -3.12 -15.28
CA LYS A 2 -1.96 -1.72 -15.00
C LYS A 2 -2.77 -1.25 -13.79
N LYS A 3 -2.72 -2.03 -12.71
CA LYS A 3 -3.44 -1.69 -11.49
C LYS A 3 -2.61 -2.03 -10.26
N VAL A 4 -1.32 -1.78 -10.37
CA VAL A 4 -0.43 -1.99 -9.23
C VAL A 4 -0.83 -1.00 -8.14
N PHE A 5 -1.64 -0.03 -8.56
CA PHE A 5 -2.17 1.01 -7.69
C PHE A 5 -2.66 0.45 -6.37
N LYS A 6 -3.08 -0.80 -6.41
CA LYS A 6 -3.57 -1.47 -5.21
C LYS A 6 -2.43 -1.69 -4.23
N ARG A 7 -1.27 -2.05 -4.76
CA ARG A 7 -0.09 -2.28 -3.93
C ARG A 7 0.28 -1.00 -3.20
N LEU A 8 0.02 0.15 -3.85
CA LEU A 8 0.31 1.43 -3.24
C LEU A 8 -0.51 1.64 -1.98
N GLU A 9 -1.78 1.25 -2.04
CA GLU A 9 -2.67 1.37 -0.89
C GLU A 9 -2.23 0.40 0.20
N LYS A 10 -1.66 -0.72 -0.20
CA LYS A 10 -1.18 -1.72 0.75
C LYS A 10 0.05 -1.19 1.47
N LEU A 11 0.82 -0.35 0.77
CA LEU A 11 2.02 0.24 1.36
C LEU A 11 1.63 1.17 2.50
N PHE A 12 0.49 1.84 2.36
CA PHE A 12 0.01 2.75 3.39
C PHE A 12 -0.29 1.98 4.67
N SER A 13 -0.76 0.74 4.52
CA SER A 13 -1.07 -0.09 5.67
C SER A 13 0.19 -0.42 6.45
N LYS A 14 1.29 -0.59 5.73
CA LYS A 14 2.57 -0.89 6.35
C LYS A 14 3.04 0.28 7.19
N ILE A 15 2.77 1.49 6.71
CA ILE A 15 3.14 2.70 7.43
C ILE A 15 2.37 2.79 8.74
N TRP A 16 1.17 2.23 8.75
CA TRP A 16 0.33 2.23 9.95
C TRP A 16 0.95 1.37 11.04
N ASN A 17 1.59 0.28 10.62
CA ASN A 17 2.23 -0.64 11.56
C ASN A 17 3.45 0.02 12.20
N TRP A 18 4.11 0.89 11.44
CA TRP A 18 5.30 1.59 11.94
C TRP A 18 4.91 2.81 12.77
N LYS A 19 3.78 3.42 12.42
CA LYS A 19 3.30 4.59 13.14
C LYS A 19 2.86 4.22 14.55
N NH2 A 20 3.57 4.73 15.55
HN1 NH2 A 20 4.34 5.30 15.32
HN2 NH2 A 20 3.32 4.51 16.47
N ALA A 1 -3.91 -4.13 -16.22
CA ALA A 1 -4.19 -2.71 -16.58
C ALA A 1 -4.34 -1.85 -15.33
N LYS A 2 -5.29 -2.20 -14.47
CA LYS A 2 -5.54 -1.47 -13.25
C LYS A 2 -4.91 -2.19 -12.06
N LYS A 3 -3.61 -2.45 -12.16
CA LYS A 3 -2.88 -3.14 -11.09
C LYS A 3 -2.18 -2.14 -10.19
N VAL A 4 -2.86 -1.03 -9.92
CA VAL A 4 -2.32 -0.03 -9.01
C VAL A 4 -2.27 -0.66 -7.62
N PHE A 5 -2.96 -1.79 -7.51
CA PHE A 5 -3.05 -2.58 -6.28
C PHE A 5 -1.70 -2.66 -5.58
N LYS A 6 -0.65 -2.62 -6.38
CA LYS A 6 0.71 -2.68 -5.84
C LYS A 6 1.00 -1.44 -5.01
N ARG A 7 0.70 -0.28 -5.57
CA ARG A 7 0.91 0.97 -4.86
C ARG A 7 0.05 1.01 -3.61
N LEU A 8 -1.14 0.40 -3.69
CA LEU A 8 -2.05 0.34 -2.57
C LEU A 8 -1.45 -0.49 -1.45
N GLU A 9 -0.72 -1.53 -1.82
CA GLU A 9 -0.08 -2.40 -0.85
C GLU A 9 1.05 -1.65 -0.13
N LYS A 10 1.68 -0.73 -0.86
CA LYS A 10 2.75 0.06 -0.29
C LYS A 10 2.20 1.04 0.74
N LEU A 11 1.03 1.60 0.44
CA LEU A 11 0.38 2.54 1.34
C LEU A 11 -0.05 1.83 2.61
N PHE A 12 -0.42 0.55 2.48
CA PHE A 12 -0.84 -0.24 3.62
C PHE A 12 0.36 -0.49 4.55
N SER A 13 1.53 -0.64 3.95
CA SER A 13 2.74 -0.87 4.72
C SER A 13 3.07 0.36 5.56
N LYS A 14 2.73 1.54 5.03
CA LYS A 14 2.97 2.78 5.73
C LYS A 14 2.13 2.86 7.00
N ILE A 15 0.95 2.23 6.95
CA ILE A 15 0.06 2.22 8.10
C ILE A 15 0.67 1.41 9.24
N TRP A 16 1.43 0.38 8.87
CA TRP A 16 2.08 -0.47 9.87
C TRP A 16 3.15 0.32 10.61
N ASN A 17 3.78 1.27 9.91
CA ASN A 17 4.81 2.09 10.51
C ASN A 17 4.20 3.05 11.54
N TRP A 18 2.95 3.43 11.32
CA TRP A 18 2.26 4.33 12.23
C TRP A 18 1.81 3.60 13.49
N LYS A 19 1.39 2.34 13.31
CA LYS A 19 0.95 1.53 14.44
C LYS A 19 2.12 0.84 15.12
N NH2 A 20 2.78 -0.04 14.40
HN1 NH2 A 20 2.48 -0.22 13.49
HN2 NH2 A 20 3.54 -0.50 14.82
N ALA A 1 -1.37 -4.98 -16.86
CA ALA A 1 -2.52 -4.28 -16.23
C ALA A 1 -2.05 -3.12 -15.36
N LYS A 2 -2.85 -2.07 -15.31
CA LYS A 2 -2.51 -0.89 -14.50
C LYS A 2 -3.18 -0.95 -13.14
N LYS A 3 -3.08 -2.10 -12.47
CA LYS A 3 -3.67 -2.29 -11.16
C LYS A 3 -2.60 -2.33 -10.08
N VAL A 4 -1.58 -1.51 -10.25
CA VAL A 4 -0.53 -1.40 -9.24
C VAL A 4 -1.16 -0.82 -7.98
N PHE A 5 -2.37 -0.29 -8.16
CA PHE A 5 -3.16 0.30 -7.10
C PHE A 5 -3.12 -0.55 -5.83
N LYS A 6 -2.95 -1.84 -6.02
CA LYS A 6 -2.88 -2.78 -4.91
C LYS A 6 -1.63 -2.52 -4.09
N ARG A 7 -0.51 -2.30 -4.76
CA ARG A 7 0.75 -2.03 -4.09
C ARG A 7 0.63 -0.75 -3.29
N LEU A 8 -0.15 0.20 -3.81
CA LEU A 8 -0.36 1.47 -3.14
C LEU A 8 -1.07 1.26 -1.81
N GLU A 9 -2.02 0.33 -1.80
CA GLU A 9 -2.76 0.02 -0.58
C GLU A 9 -1.85 -0.67 0.42
N LYS A 10 -0.87 -1.42 -0.09
CA LYS A 10 0.08 -2.10 0.76
C LYS A 10 1.01 -1.09 1.43
N LEU A 11 1.32 -0.02 0.71
CA LEU A 11 2.18 1.03 1.23
C LEU A 11 1.50 1.74 2.39
N PHE A 12 0.18 1.90 2.28
CA PHE A 12 -0.58 2.57 3.34
C PHE A 12 -0.60 1.70 4.59
N SER A 13 -0.66 0.39 4.38
CA SER A 13 -0.67 -0.55 5.51
C SER A 13 0.66 -0.51 6.22
N LYS A 14 1.72 -0.22 5.47
CA LYS A 14 3.07 -0.13 6.04
C LYS A 14 3.15 1.05 6.99
N ILE A 15 2.43 2.12 6.68
CA ILE A 15 2.42 3.30 7.52
C ILE A 15 1.80 3.00 8.87
N TRP A 16 0.81 2.11 8.87
CA TRP A 16 0.13 1.73 10.11
C TRP A 16 1.09 0.95 11.01
N ASN A 17 2.01 0.22 10.39
CA ASN A 17 2.98 -0.57 11.13
C ASN A 17 4.01 0.34 11.80
N TRP A 18 4.29 1.47 11.17
CA TRP A 18 5.26 2.43 11.71
C TRP A 18 4.62 3.29 12.79
N LYS A 19 3.32 3.52 12.67
CA LYS A 19 2.59 4.34 13.64
C LYS A 19 2.51 3.63 14.99
N NH2 A 20 3.49 3.92 15.85
HN1 NH2 A 20 4.17 4.56 15.58
HN2 NH2 A 20 3.47 3.48 16.73
N ALA A 1 -5.25 -6.53 -12.14
CA ALA A 1 -5.02 -5.71 -13.34
C ALA A 1 -3.56 -5.30 -13.46
N LYS A 2 -3.25 -4.48 -14.46
CA LYS A 2 -1.88 -4.02 -14.68
C LYS A 2 -1.65 -2.67 -14.01
N LYS A 3 -2.08 -2.55 -12.76
CA LYS A 3 -1.92 -1.31 -12.00
C LYS A 3 -2.27 -1.52 -10.55
N VAL A 4 -1.91 -2.68 -10.03
CA VAL A 4 -2.12 -2.98 -8.63
C VAL A 4 -1.23 -2.04 -7.81
N PHE A 5 -0.30 -1.41 -8.53
CA PHE A 5 0.64 -0.45 -7.98
C PHE A 5 -0.03 0.50 -7.00
N LYS A 6 -1.29 0.76 -7.24
CA LYS A 6 -2.06 1.65 -6.37
C LYS A 6 -2.28 0.99 -5.02
N ARG A 7 -2.64 -0.29 -5.04
CA ARG A 7 -2.86 -1.04 -3.81
C ARG A 7 -1.57 -1.08 -3.00
N LEU A 8 -0.43 -1.03 -3.71
CA LEU A 8 0.87 -1.03 -3.05
C LEU A 8 1.02 0.20 -2.17
N GLU A 9 0.48 1.33 -2.63
CA GLU A 9 0.56 2.57 -1.87
C GLU A 9 -0.26 2.45 -0.59
N LYS A 10 -1.39 1.75 -0.67
CA LYS A 10 -2.24 1.56 0.49
C LYS A 10 -1.52 0.68 1.51
N LEU A 11 -0.69 -0.24 1.01
CA LEU A 11 0.06 -1.14 1.87
C LEU A 11 1.06 -0.34 2.70
N PHE A 12 1.58 0.75 2.12
CA PHE A 12 2.54 1.59 2.80
C PHE A 12 1.89 2.25 4.02
N SER A 13 0.60 2.55 3.90
CA SER A 13 -0.14 3.17 5.00
C SER A 13 -0.23 2.22 6.18
N LYS A 14 -0.35 0.93 5.87
CA LYS A 14 -0.45 -0.08 6.91
C LYS A 14 0.87 -0.16 7.70
N ILE A 15 1.97 0.07 7.00
CA ILE A 15 3.28 0.05 7.63
C ILE A 15 3.43 1.20 8.61
N TRP A 16 2.76 2.31 8.30
CA TRP A 16 2.79 3.48 9.17
C TRP A 16 2.06 3.21 10.47
N ASN A 17 1.01 2.39 10.39
CA ASN A 17 0.22 2.03 11.55
C ASN A 17 1.01 1.10 12.48
N TRP A 18 1.90 0.31 11.89
CA TRP A 18 2.72 -0.62 12.65
C TRP A 18 3.90 0.09 13.30
N LYS A 19 4.37 1.15 12.64
CA LYS A 19 5.50 1.92 13.15
C LYS A 19 5.05 2.86 14.27
N NH2 A 20 4.97 2.33 15.48
HN1 NH2 A 20 5.20 1.38 15.60
HN2 NH2 A 20 4.69 2.91 16.22
N ALA A 1 -0.22 -2.55 -15.94
CA ALA A 1 -1.69 -2.79 -16.03
C ALA A 1 -2.46 -1.79 -15.17
N LYS A 2 -3.77 -1.93 -15.14
CA LYS A 2 -4.63 -1.04 -14.36
C LYS A 2 -4.90 -1.63 -12.98
N LYS A 3 -3.86 -2.11 -12.32
CA LYS A 3 -3.99 -2.70 -11.00
C LYS A 3 -2.83 -2.32 -10.11
N VAL A 4 -2.39 -1.06 -10.24
CA VAL A 4 -1.33 -0.55 -9.38
C VAL A 4 -1.86 -0.53 -7.95
N PHE A 5 -3.18 -0.66 -7.86
CA PHE A 5 -3.91 -0.70 -6.59
C PHE A 5 -3.19 -1.54 -5.56
N LYS A 6 -2.48 -2.54 -6.04
CA LYS A 6 -1.74 -3.44 -5.17
C LYS A 6 -0.62 -2.68 -4.48
N ARG A 7 0.11 -1.88 -5.25
CA ARG A 7 1.20 -1.08 -4.70
C ARG A 7 0.66 -0.11 -3.66
N LEU A 8 -0.56 0.36 -3.88
CA LEU A 8 -1.20 1.30 -2.96
C LEU A 8 -1.46 0.61 -1.63
N GLU A 9 -1.81 -0.68 -1.68
CA GLU A 9 -2.07 -1.45 -0.48
C GLU A 9 -0.79 -1.66 0.31
N LYS A 10 0.33 -1.72 -0.41
CA LYS A 10 1.63 -1.89 0.22
C LYS A 10 2.02 -0.62 0.97
N LEU A 11 1.72 0.52 0.37
CA LEU A 11 2.02 1.80 1.01
C LEU A 11 1.20 1.97 2.27
N PHE A 12 -0.03 1.44 2.26
CA PHE A 12 -0.90 1.51 3.43
C PHE A 12 -0.32 0.67 4.56
N SER A 13 0.36 -0.41 4.19
CA SER A 13 0.97 -1.30 5.17
C SER A 13 2.08 -0.57 5.91
N LYS A 14 2.75 0.35 5.23
CA LYS A 14 3.82 1.13 5.83
C LYS A 14 3.27 2.01 6.94
N ILE A 15 2.07 2.54 6.73
CA ILE A 15 1.43 3.39 7.72
C ILE A 15 1.14 2.60 8.99
N TRP A 16 0.89 1.30 8.81
CA TRP A 16 0.61 0.42 9.94
C TRP A 16 1.85 0.28 10.82
N ASN A 17 3.01 0.37 10.20
CA ASN A 17 4.28 0.25 10.93
C ASN A 17 4.49 1.47 11.82
N TRP A 18 3.99 2.62 11.38
CA TRP A 18 4.13 3.84 12.16
C TRP A 18 3.14 3.87 13.32
N LYS A 19 1.98 3.25 13.13
CA LYS A 19 0.96 3.20 14.15
C LYS A 19 1.31 2.19 15.24
N NH2 A 20 2.23 1.27 14.93
HN1 NH2 A 20 2.62 1.30 14.03
HN2 NH2 A 20 2.46 0.60 15.60
N ALA A 1 -2.69 -5.92 -16.40
CA ALA A 1 -3.24 -4.54 -16.44
C ALA A 1 -2.41 -3.59 -15.58
N LYS A 2 -2.89 -2.35 -15.44
CA LYS A 2 -2.20 -1.35 -14.64
C LYS A 2 -2.84 -1.22 -13.27
N LYS A 3 -2.97 -2.34 -12.57
CA LYS A 3 -3.56 -2.34 -11.24
C LYS A 3 -2.49 -2.32 -10.16
N VAL A 4 -1.44 -1.56 -10.40
CA VAL A 4 -0.38 -1.40 -9.41
C VAL A 4 -0.99 -0.72 -8.20
N PHE A 5 -2.17 -0.15 -8.42
CA PHE A 5 -2.95 0.54 -7.40
C PHE A 5 -2.99 -0.26 -6.12
N LYS A 6 -2.88 -1.57 -6.24
CA LYS A 6 -2.90 -2.46 -5.10
C LYS A 6 -1.66 -2.22 -4.23
N ARG A 7 -0.53 -1.99 -4.88
CA ARG A 7 0.71 -1.73 -4.17
C ARG A 7 0.57 -0.49 -3.31
N LEU A 8 -0.22 0.47 -3.80
CA LEU A 8 -0.44 1.71 -3.06
C LEU A 8 -1.13 1.42 -1.73
N GLU A 9 -2.10 0.51 -1.77
CA GLU A 9 -2.82 0.13 -0.55
C GLU A 9 -1.88 -0.59 0.40
N LYS A 10 -0.91 -1.30 -0.16
CA LYS A 10 0.06 -2.02 0.64
C LYS A 10 0.99 -1.04 1.36
N LEU A 11 1.27 0.08 0.70
CA LEU A 11 2.12 1.11 1.27
C LEU A 11 1.44 1.74 2.48
N PHE A 12 0.12 1.83 2.44
CA PHE A 12 -0.64 2.40 3.53
C PHE A 12 -0.56 1.50 4.76
N SER A 13 -0.49 0.19 4.52
CA SER A 13 -0.39 -0.78 5.60
C SER A 13 0.94 -0.62 6.32
N LYS A 14 1.97 -0.25 5.57
CA LYS A 14 3.29 -0.05 6.14
C LYS A 14 3.29 1.12 7.11
N ILE A 15 2.46 2.12 6.80
CA ILE A 15 2.35 3.29 7.66
C ILE A 15 1.74 2.92 9.00
N TRP A 16 0.86 1.92 9.00
CA TRP A 16 0.23 1.46 10.22
C TRP A 16 1.24 0.77 11.12
N ASN A 17 2.24 0.14 10.52
CA ASN A 17 3.29 -0.54 11.27
C ASN A 17 4.21 0.47 11.94
N TRP A 18 4.37 1.63 11.31
CA TRP A 18 5.22 2.68 11.85
C TRP A 18 4.49 3.49 12.92
N LYS A 19 3.17 3.63 12.75
CA LYS A 19 2.36 4.37 13.70
C LYS A 19 1.93 3.48 14.86
N NH2 A 20 1.53 4.10 15.97
HN1 NH2 A 20 1.54 5.08 15.98
HN2 NH2 A 20 1.25 3.56 16.73
N ALA A 1 -2.01 -2.12 -17.06
CA ALA A 1 -1.77 -1.89 -15.62
C ALA A 1 -3.08 -1.59 -14.88
N LYS A 2 -3.96 -2.58 -14.83
CA LYS A 2 -5.24 -2.43 -14.16
C LYS A 2 -5.21 -3.05 -12.77
N LYS A 3 -4.17 -2.73 -12.01
CA LYS A 3 -4.03 -3.26 -10.65
C LYS A 3 -2.90 -2.56 -9.91
N VAL A 4 -2.79 -1.26 -10.13
CA VAL A 4 -1.81 -0.46 -9.42
C VAL A 4 -2.16 -0.51 -7.94
N PHE A 5 -3.40 -0.94 -7.68
CA PHE A 5 -3.94 -1.09 -6.35
C PHE A 5 -2.95 -1.78 -5.43
N LYS A 6 -2.12 -2.60 -6.02
CA LYS A 6 -1.10 -3.34 -5.28
C LYS A 6 -0.10 -2.37 -4.66
N ARG A 7 0.29 -1.36 -5.44
CA ARG A 7 1.23 -0.35 -4.95
C ARG A 7 0.65 0.37 -3.75
N LEU A 8 -0.65 0.64 -3.81
CA LEU A 8 -1.34 1.33 -2.73
C LEU A 8 -1.28 0.49 -1.46
N GLU A 9 -1.32 -0.83 -1.63
CA GLU A 9 -1.26 -1.74 -0.50
C GLU A 9 0.09 -1.63 0.19
N LYS A 10 1.13 -1.36 -0.61
CA LYS A 10 2.48 -1.22 -0.07
C LYS A 10 2.56 0.03 0.79
N LEU A 11 2.03 1.14 0.28
CA LEU A 11 2.02 2.39 1.03
C LEU A 11 1.16 2.25 2.27
N PHE A 12 0.12 1.43 2.17
CA PHE A 12 -0.77 1.19 3.30
C PHE A 12 -0.03 0.43 4.39
N SER A 13 0.91 -0.42 3.98
CA SER A 13 1.70 -1.20 4.92
C SER A 13 2.55 -0.28 5.78
N LYS A 14 2.99 0.83 5.18
CA LYS A 14 3.81 1.80 5.90
C LYS A 14 3.01 2.43 7.04
N ILE A 15 1.71 2.56 6.82
CA ILE A 15 0.83 3.14 7.84
C ILE A 15 0.76 2.23 9.06
N TRP A 16 0.83 0.92 8.82
CA TRP A 16 0.77 -0.05 9.90
C TRP A 16 2.02 0.06 10.77
N ASN A 17 3.13 0.42 10.15
CA ASN A 17 4.40 0.57 10.86
C ASN A 17 4.37 1.79 11.77
N TRP A 18 3.59 2.80 11.36
CA TRP A 18 3.47 4.02 12.14
C TRP A 18 2.54 3.81 13.34
N LYS A 19 1.57 2.92 13.17
CA LYS A 19 0.62 2.63 14.24
C LYS A 19 1.24 1.74 15.30
N NH2 A 20 1.01 2.06 16.57
HN1 NH2 A 20 0.45 2.85 16.75
HN2 NH2 A 20 1.40 1.50 17.27
N ALA A 1 -7.26 -0.87 -14.28
CA ALA A 1 -6.74 -2.13 -13.69
C ALA A 1 -5.31 -2.40 -14.13
N LYS A 2 -4.44 -1.40 -13.96
CA LYS A 2 -3.05 -1.53 -14.34
C LYS A 2 -2.19 -1.97 -13.16
N LYS A 3 -2.63 -3.04 -12.49
CA LYS A 3 -1.91 -3.57 -11.34
C LYS A 3 -1.51 -2.47 -10.38
N VAL A 4 -2.39 -1.49 -10.23
CA VAL A 4 -2.16 -0.41 -9.28
C VAL A 4 -2.17 -1.01 -7.88
N PHE A 5 -2.67 -2.25 -7.82
CA PHE A 5 -2.76 -3.03 -6.59
C PHE A 5 -1.48 -2.93 -5.78
N LYS A 6 -0.38 -2.72 -6.47
CA LYS A 6 0.91 -2.60 -5.82
C LYS A 6 0.97 -1.33 -4.98
N ARG A 7 0.41 -0.25 -5.52
CA ARG A 7 0.37 1.02 -4.80
C ARG A 7 -0.42 0.86 -3.51
N LEU A 8 -1.44 0.01 -3.55
CA LEU A 8 -2.27 -0.24 -2.38
C LEU A 8 -1.44 -0.88 -1.27
N GLU A 9 -0.55 -1.78 -1.65
CA GLU A 9 0.31 -2.45 -0.68
C GLU A 9 1.27 -1.44 -0.04
N LYS A 10 1.62 -0.42 -0.81
CA LYS A 10 2.52 0.62 -0.32
C LYS A 10 1.82 1.46 0.74
N LEU A 11 0.54 1.74 0.51
CA LEU A 11 -0.24 2.52 1.46
C LEU A 11 -0.42 1.74 2.76
N PHE A 12 -0.57 0.42 2.63
CA PHE A 12 -0.73 -0.42 3.81
C PHE A 12 0.57 -0.47 4.60
N SER A 13 1.69 -0.31 3.90
CA SER A 13 2.99 -0.32 4.54
C SER A 13 3.16 0.93 5.41
N LYS A 14 2.56 2.03 4.96
CA LYS A 14 2.63 3.28 5.70
C LYS A 14 1.86 3.16 7.01
N ILE A 15 0.69 2.53 6.95
CA ILE A 15 -0.13 2.34 8.13
C ILE A 15 0.55 1.38 9.10
N TRP A 16 1.33 0.46 8.55
CA TRP A 16 2.06 -0.51 9.35
C TRP A 16 3.18 0.18 10.11
N ASN A 17 3.72 1.25 9.51
CA ASN A 17 4.81 1.99 10.13
C ASN A 17 4.30 2.78 11.34
N TRP A 18 3.04 3.21 11.27
CA TRP A 18 2.44 3.96 12.36
C TRP A 18 1.88 3.02 13.42
N LYS A 19 1.44 1.85 13.00
CA LYS A 19 0.88 0.86 13.92
C LYS A 19 1.91 0.46 14.98
N NH2 A 20 3.16 0.33 14.57
HN1 NH2 A 20 3.36 0.49 13.63
HN2 NH2 A 20 3.84 0.08 15.23
N ALA A 1 -2.10 -5.12 -15.45
CA ALA A 1 -1.17 -3.96 -15.58
C ALA A 1 -1.81 -2.69 -15.03
N LYS A 2 -3.13 -2.60 -15.15
CA LYS A 2 -3.86 -1.44 -14.67
C LYS A 2 -4.39 -1.67 -13.26
N LYS A 3 -3.52 -2.17 -12.38
CA LYS A 3 -3.89 -2.46 -11.01
C LYS A 3 -2.73 -2.23 -10.07
N VAL A 4 -1.96 -1.18 -10.34
CA VAL A 4 -0.85 -0.80 -9.47
C VAL A 4 -1.44 -0.42 -8.12
N PHE A 5 -2.75 -0.19 -8.14
CA PHE A 5 -3.53 0.16 -6.97
C PHE A 5 -3.17 -0.72 -5.78
N LYS A 6 -2.75 -1.92 -6.08
CA LYS A 6 -2.36 -2.89 -5.06
C LYS A 6 -1.12 -2.39 -4.32
N ARG A 7 -0.17 -1.85 -5.06
CA ARG A 7 1.06 -1.32 -4.47
C ARG A 7 0.72 -0.19 -3.52
N LEU A 8 -0.30 0.59 -3.87
CA LEU A 8 -0.73 1.70 -3.03
C LEU A 8 -1.24 1.19 -1.69
N GLU A 9 -1.95 0.08 -1.73
CA GLU A 9 -2.47 -0.51 -0.50
C GLU A 9 -1.33 -1.03 0.36
N LYS A 10 -0.25 -1.45 -0.29
CA LYS A 10 0.92 -1.95 0.41
C LYS A 10 1.62 -0.81 1.14
N LEU A 11 1.65 0.36 0.50
CA LEU A 11 2.28 1.53 1.10
C LEU A 11 1.49 1.99 2.32
N PHE A 12 0.17 1.84 2.26
CA PHE A 12 -0.69 2.22 3.36
C PHE A 12 -0.48 1.27 4.53
N SER A 13 -0.17 0.02 4.22
CA SER A 13 0.07 -0.98 5.26
C SER A 13 1.35 -0.64 6.02
N LYS A 14 2.30 -0.04 5.32
CA LYS A 14 3.56 0.34 5.93
C LYS A 14 3.33 1.44 6.96
N ILE A 15 2.36 2.31 6.70
CA ILE A 15 2.04 3.39 7.61
C ILE A 15 1.47 2.84 8.91
N TRP A 16 0.75 1.72 8.79
CA TRP A 16 0.16 1.08 9.96
C TRP A 16 1.24 0.51 10.87
N ASN A 17 2.34 0.08 10.25
CA ASN A 17 3.46 -0.47 11.01
C ASN A 17 4.17 0.60 11.81
N TRP A 18 4.16 1.82 11.28
CA TRP A 18 4.81 2.95 11.94
C TRP A 18 3.94 3.46 13.09
N LYS A 19 2.63 3.33 12.95
CA LYS A 19 1.70 3.78 13.98
C LYS A 19 1.77 2.86 15.20
N NH2 A 20 2.72 3.14 16.08
HN1 NH2 A 20 3.32 3.89 15.90
HN2 NH2 A 20 2.78 2.57 16.88
N ALA A 1 -6.83 -5.81 -14.13
CA ALA A 1 -6.38 -4.74 -13.20
C ALA A 1 -5.37 -3.83 -13.88
N LYS A 2 -5.37 -2.55 -13.48
CA LYS A 2 -4.46 -1.57 -14.05
C LYS A 2 -3.27 -1.33 -13.12
N LYS A 3 -2.59 -2.42 -12.76
CA LYS A 3 -1.43 -2.35 -11.88
C LYS A 3 -1.70 -1.47 -10.67
N VAL A 4 -2.91 -1.55 -10.15
CA VAL A 4 -3.28 -0.81 -8.96
C VAL A 4 -2.44 -1.35 -7.81
N PHE A 5 -1.84 -2.52 -8.07
CA PHE A 5 -0.97 -3.20 -7.13
C PHE A 5 -0.01 -2.25 -6.44
N LYS A 6 0.32 -1.19 -7.13
CA LYS A 6 1.22 -0.18 -6.60
C LYS A 6 0.57 0.54 -5.43
N ARG A 7 -0.70 0.88 -5.58
CA ARG A 7 -1.43 1.55 -4.52
C ARG A 7 -1.52 0.66 -3.29
N LEU A 8 -1.50 -0.65 -3.52
CA LEU A 8 -1.56 -1.62 -2.44
C LEU A 8 -0.31 -1.54 -1.58
N GLU A 9 0.84 -1.40 -2.23
CA GLU A 9 2.10 -1.31 -1.50
C GLU A 9 2.14 -0.03 -0.68
N LYS A 10 1.42 0.99 -1.15
CA LYS A 10 1.35 2.26 -0.43
C LYS A 10 0.57 2.10 0.85
N LEU A 11 -0.53 1.35 0.78
CA LEU A 11 -1.37 1.11 1.94
C LEU A 11 -0.58 0.35 3.00
N PHE A 12 0.35 -0.49 2.55
CA PHE A 12 1.18 -1.27 3.46
C PHE A 12 2.08 -0.34 4.27
N SER A 13 2.50 0.75 3.64
CA SER A 13 3.37 1.73 4.30
C SER A 13 2.63 2.38 5.46
N LYS A 14 1.33 2.59 5.28
CA LYS A 14 0.51 3.20 6.31
C LYS A 14 0.42 2.29 7.53
N ILE A 15 0.47 0.99 7.28
CA ILE A 15 0.40 0.01 8.36
C ILE A 15 1.66 0.07 9.22
N TRP A 16 2.79 0.38 8.57
CA TRP A 16 4.07 0.48 9.27
C TRP A 16 4.07 1.70 10.18
N ASN A 17 3.36 2.74 9.76
CA ASN A 17 3.28 3.97 10.53
C ASN A 17 2.39 3.76 11.76
N TRP A 18 1.44 2.84 11.65
CA TRP A 18 0.53 2.54 12.75
C TRP A 18 1.21 1.64 13.78
N LYS A 19 2.13 0.81 13.31
CA LYS A 19 2.86 -0.11 14.19
C LYS A 19 4.03 0.61 14.88
N NH2 A 20 4.31 0.21 16.11
HN1 NH2 A 20 3.77 -0.51 16.51
HN2 NH2 A 20 5.06 0.65 16.57
#